data_8ZUG
#
_entry.id   8ZUG
#
_entity_poly.entity_id   1
_entity_poly.type   'polypeptide(L)'
_entity_poly.pdbx_seq_one_letter_code
;YRQSSATSSFGGLGGGSVRFGPG
;
_entity_poly.pdbx_strand_id   A
#
# COMPACT_ATOMS: atom_id res chain seq x y z
N TYR A 1 -9.05 -18.93 -3.10
CA TYR A 1 -9.78 -17.74 -2.59
C TYR A 1 -9.70 -17.71 -1.06
N ARG A 2 -8.75 -16.93 -0.55
CA ARG A 2 -8.54 -16.81 0.90
C ARG A 2 -9.09 -15.48 1.44
N GLN A 3 -9.91 -14.78 0.64
CA GLN A 3 -10.49 -13.51 1.06
C GLN A 3 -9.38 -12.52 1.45
N SER A 4 -8.29 -12.52 0.68
CA SER A 4 -7.16 -11.64 0.93
C SER A 4 -7.58 -10.18 0.77
N SER A 5 -7.07 -9.32 1.65
CA SER A 5 -7.39 -7.90 1.61
C SER A 5 -6.92 -7.30 0.29
N ALA A 6 -5.70 -7.66 -0.13
CA ALA A 6 -5.13 -7.15 -1.37
C ALA A 6 -4.18 -8.16 -1.98
N THR A 7 -3.89 -7.98 -3.27
CA THR A 7 -2.98 -8.87 -3.99
C THR A 7 -2.13 -8.06 -4.96
N SER A 8 -0.99 -8.64 -5.38
CA SER A 8 -0.08 -7.96 -6.30
C SER A 8 0.45 -6.67 -5.67
N SER A 9 1.17 -5.86 -6.46
CA SER A 9 1.74 -4.61 -5.96
C SER A 9 1.11 -3.42 -6.68
N PHE A 10 0.80 -2.38 -5.91
CA PHE A 10 0.19 -1.17 -6.47
C PHE A 10 0.57 0.08 -5.65
N GLY A 11 1.66 -0.01 -4.89
CA GLY A 11 2.11 1.11 -4.06
C GLY A 11 1.68 0.96 -2.60
N GLY A 12 0.72 0.06 -2.34
CA GLY A 12 0.23 -0.18 -0.98
C GLY A 12 -0.53 1.02 -0.43
N LEU A 13 -1.23 1.74 -1.30
CA LEU A 13 -2.01 2.91 -0.89
C LEU A 13 -3.07 2.52 0.12
N GLY A 14 -3.71 1.38 -0.11
CA GLY A 14 -4.77 0.88 0.79
C GLY A 14 -4.22 0.64 2.19
N GLY A 15 -3.00 0.09 2.27
CA GLY A 15 -2.37 -0.19 3.55
C GLY A 15 -2.17 1.08 4.36
N GLY A 16 -1.78 2.16 3.68
CA GLY A 16 -1.55 3.44 4.34
C GLY A 16 -1.12 4.51 3.33
N SER A 17 -0.83 5.70 3.83
CA SER A 17 -0.41 6.81 2.99
C SER A 17 0.96 6.53 2.37
N VAL A 18 1.19 7.07 1.18
CA VAL A 18 2.46 6.87 0.47
C VAL A 18 3.51 7.82 1.04
N ARG A 19 4.65 7.23 1.42
CA ARG A 19 5.75 8.00 2.00
C ARG A 19 6.57 8.67 0.89
N PHE A 20 6.80 9.97 1.06
CA PHE A 20 7.56 10.75 0.09
C PHE A 20 8.81 11.34 0.74
N GLY A 21 9.88 11.44 -0.05
CA GLY A 21 11.14 12.01 0.44
C GLY A 21 11.12 13.54 0.29
N PRO A 22 12.28 14.20 0.29
CA PRO A 22 12.34 15.70 0.15
C PRO A 22 12.03 16.14 -1.29
N GLY A 23 10.80 15.90 -1.72
CA GLY A 23 10.37 16.27 -3.07
C GLY A 23 9.89 17.72 -3.11
N TYR A 1 -0.24 -14.51 3.63
CA TYR A 1 -1.05 -13.79 4.65
C TYR A 1 -1.83 -12.66 3.99
N ARG A 2 -1.22 -11.99 3.01
CA ARG A 2 -1.88 -10.89 2.29
C ARG A 2 -2.35 -9.80 3.28
N GLN A 3 -1.38 -9.19 3.96
CA GLN A 3 -1.68 -8.14 4.93
C GLN A 3 -2.35 -6.95 4.23
N SER A 4 -1.86 -6.62 3.04
CA SER A 4 -2.40 -5.51 2.27
C SER A 4 -3.78 -5.85 1.74
N SER A 5 -4.55 -4.82 1.36
CA SER A 5 -5.90 -5.01 0.83
C SER A 5 -5.87 -5.86 -0.43
N ALA A 6 -4.93 -5.54 -1.33
CA ALA A 6 -4.79 -6.28 -2.58
C ALA A 6 -3.39 -6.14 -3.15
N THR A 7 -2.89 -7.22 -3.77
CA THR A 7 -1.56 -7.23 -4.37
C THR A 7 -1.63 -7.77 -5.79
N SER A 8 -1.06 -7.03 -6.74
CA SER A 8 -1.06 -7.45 -8.15
C SER A 8 0.30 -7.16 -8.80
N SER A 9 0.62 -5.87 -8.96
CA SER A 9 1.89 -5.48 -9.58
C SER A 9 2.24 -4.01 -9.27
N PHE A 10 1.59 -3.43 -8.26
CA PHE A 10 1.84 -2.04 -7.87
C PHE A 10 2.52 -1.93 -6.50
N GLY A 11 3.17 -3.02 -6.07
CA GLY A 11 3.84 -3.05 -4.76
C GLY A 11 2.95 -3.65 -3.67
N GLY A 12 1.65 -3.84 -3.97
CA GLY A 12 0.72 -4.42 -3.01
C GLY A 12 0.51 -3.50 -1.80
N LEU A 13 0.50 -2.18 -2.06
CA LEU A 13 0.31 -1.20 -1.01
C LEU A 13 -1.04 -1.40 -0.32
N GLY A 14 -2.07 -1.72 -1.12
CA GLY A 14 -3.41 -1.93 -0.59
C GLY A 14 -4.05 -0.62 -0.17
N GLY A 15 -5.04 -0.71 0.72
CA GLY A 15 -5.75 0.47 1.21
C GLY A 15 -4.94 1.20 2.27
N GLY A 16 -5.49 2.31 2.78
CA GLY A 16 -4.82 3.10 3.80
C GLY A 16 -3.88 4.12 3.17
N SER A 17 -3.21 4.90 4.02
CA SER A 17 -2.27 5.93 3.55
C SER A 17 -1.03 5.28 2.93
N VAL A 18 -0.39 6.03 2.04
CA VAL A 18 0.81 5.56 1.35
C VAL A 18 2.01 6.42 1.76
N ARG A 19 3.10 5.75 2.16
CA ARG A 19 4.31 6.44 2.57
C ARG A 19 5.10 6.90 1.35
N PHE A 20 5.48 8.17 1.34
CA PHE A 20 6.24 8.74 0.22
C PHE A 20 7.60 9.22 0.70
N GLY A 21 8.60 9.08 -0.18
CA GLY A 21 9.96 9.50 0.13
C GLY A 21 10.15 10.98 -0.24
N PRO A 22 11.39 11.45 -0.48
CA PRO A 22 11.63 12.87 -0.83
C PRO A 22 11.23 13.18 -2.28
N GLY A 23 9.93 13.04 -2.56
CA GLY A 23 9.40 13.28 -3.90
C GLY A 23 9.17 14.77 -4.13
N TYR A 1 -10.73 -7.62 -11.19
CA TYR A 1 -9.61 -7.86 -10.24
C TYR A 1 -9.42 -6.64 -9.35
N ARG A 2 -9.01 -6.89 -8.11
CA ARG A 2 -8.79 -5.80 -7.15
C ARG A 2 -7.43 -5.95 -6.48
N GLN A 3 -6.81 -4.81 -6.14
CA GLN A 3 -5.50 -4.81 -5.50
C GLN A 3 -5.56 -4.03 -4.19
N SER A 4 -5.06 -4.64 -3.11
CA SER A 4 -5.05 -4.00 -1.80
C SER A 4 -4.12 -2.80 -1.79
N SER A 5 -4.47 -1.79 -1.00
CA SER A 5 -3.67 -0.57 -0.89
C SER A 5 -2.28 -0.89 -0.35
N ALA A 6 -2.23 -1.79 0.65
CA ALA A 6 -0.97 -2.19 1.25
C ALA A 6 -0.08 -2.90 0.24
N THR A 7 1.23 -2.63 0.32
CA THR A 7 2.19 -3.25 -0.60
C THR A 7 2.24 -4.76 -0.36
N SER A 8 2.33 -5.51 -1.45
CA SER A 8 2.37 -6.97 -1.38
C SER A 8 3.80 -7.51 -1.27
N SER A 9 4.80 -6.60 -1.25
CA SER A 9 6.20 -7.01 -1.15
C SER A 9 6.48 -7.76 0.16
N PHE A 10 5.65 -7.53 1.17
CA PHE A 10 5.80 -8.19 2.46
C PHE A 10 4.47 -8.79 2.91
N GLY A 11 4.39 -9.24 4.15
CA GLY A 11 3.16 -9.82 4.70
C GLY A 11 2.19 -8.69 5.04
N GLY A 12 1.32 -8.91 6.03
CA GLY A 12 0.35 -7.89 6.43
C GLY A 12 0.63 -7.39 7.85
N LEU A 13 1.92 -7.27 8.17
CA LEU A 13 2.34 -6.80 9.50
C LEU A 13 1.82 -5.38 9.74
N GLY A 14 1.87 -4.55 8.70
CA GLY A 14 1.41 -3.17 8.79
C GLY A 14 -0.07 -3.11 9.17
N GLY A 15 -0.86 -4.00 8.57
CA GLY A 15 -2.30 -4.06 8.85
C GLY A 15 -3.03 -2.85 8.27
N GLY A 16 -2.48 -2.26 7.21
CA GLY A 16 -3.08 -1.09 6.57
C GLY A 16 -2.24 -0.62 5.38
N SER A 17 -2.66 0.49 4.78
CA SER A 17 -1.96 1.06 3.64
C SER A 17 -0.58 1.58 4.05
N VAL A 18 0.34 1.60 3.08
CA VAL A 18 1.70 2.07 3.34
C VAL A 18 1.93 3.40 2.63
N ARG A 19 2.42 4.38 3.39
CA ARG A 19 2.68 5.71 2.85
C ARG A 19 3.99 5.72 2.07
N PHE A 20 3.96 6.31 0.88
CA PHE A 20 5.14 6.39 0.02
C PHE A 20 5.52 7.84 -0.25
N GLY A 21 6.83 8.08 -0.36
CA GLY A 21 7.34 9.42 -0.64
C GLY A 21 7.40 9.65 -2.15
N PRO A 22 8.24 10.57 -2.64
CA PRO A 22 8.34 10.86 -4.11
C PRO A 22 9.12 9.76 -4.84
N GLY A 23 8.58 8.53 -4.78
CA GLY A 23 9.22 7.39 -5.44
C GLY A 23 10.67 7.23 -5.00
N TYR A 1 -2.42 -17.36 7.17
CA TYR A 1 -2.38 -16.16 6.29
C TYR A 1 -3.81 -15.73 5.97
N ARG A 2 -4.02 -14.41 5.96
CA ARG A 2 -5.35 -13.85 5.68
C ARG A 2 -5.82 -14.20 4.27
N GLN A 3 -4.90 -14.20 3.31
CA GLN A 3 -5.22 -14.51 1.92
C GLN A 3 -6.27 -13.52 1.38
N SER A 4 -6.11 -12.25 1.77
CA SER A 4 -7.03 -11.19 1.33
C SER A 4 -6.82 -10.89 -0.15
N SER A 5 -7.83 -10.26 -0.76
CA SER A 5 -7.77 -9.91 -2.18
C SER A 5 -6.62 -8.95 -2.45
N ALA A 6 -6.47 -7.95 -1.57
CA ALA A 6 -5.40 -6.97 -1.70
C ALA A 6 -4.97 -6.45 -0.34
N THR A 7 -3.75 -5.93 -0.27
CA THR A 7 -3.21 -5.38 0.98
C THR A 7 -3.07 -3.86 0.84
N SER A 8 -3.60 -3.14 1.84
CA SER A 8 -3.54 -1.68 1.82
C SER A 8 -2.16 -1.19 2.24
N SER A 9 -1.40 -0.70 1.26
CA SER A 9 -0.06 -0.18 1.50
C SER A 9 0.42 0.70 0.34
N PHE A 10 -0.53 1.21 -0.46
CA PHE A 10 -0.21 2.05 -1.60
C PHE A 10 -1.34 3.04 -1.87
N GLY A 11 -1.04 4.11 -2.62
CA GLY A 11 -2.06 5.10 -2.95
C GLY A 11 -3.05 4.50 -3.95
N GLY A 12 -4.34 4.66 -3.68
CA GLY A 12 -5.37 4.13 -4.56
C GLY A 12 -6.47 3.45 -3.76
N LEU A 13 -7.15 2.48 -4.38
CA LEU A 13 -8.23 1.74 -3.75
C LEU A 13 -7.80 1.22 -2.37
N GLY A 14 -6.54 0.81 -2.26
CA GLY A 14 -6.01 0.29 -0.99
C GLY A 14 -6.08 1.34 0.10
N GLY A 15 -5.77 2.59 -0.25
CA GLY A 15 -5.81 3.70 0.71
C GLY A 15 -4.66 3.59 1.73
N GLY A 16 -3.56 2.96 1.31
CA GLY A 16 -2.39 2.79 2.19
C GLY A 16 -1.56 4.06 2.22
N SER A 17 -0.49 4.04 3.02
CA SER A 17 0.41 5.19 3.15
C SER A 17 1.16 5.43 1.85
N VAL A 18 1.55 6.69 1.62
CA VAL A 18 2.29 7.06 0.42
C VAL A 18 3.68 7.56 0.79
N ARG A 19 4.69 7.00 0.11
CA ARG A 19 6.08 7.37 0.37
C ARG A 19 6.42 8.66 -0.37
N PHE A 20 6.99 9.62 0.37
CA PHE A 20 7.37 10.91 -0.20
C PHE A 20 8.87 11.13 -0.06
N GLY A 21 9.40 12.02 -0.90
CA GLY A 21 10.82 12.35 -0.87
C GLY A 21 11.13 13.26 0.32
N PRO A 22 12.14 14.12 0.26
CA PRO A 22 12.50 15.03 1.39
C PRO A 22 11.29 15.80 1.92
N GLY A 23 10.28 15.99 1.05
CA GLY A 23 9.06 16.71 1.44
C GLY A 23 9.23 18.21 1.26
N TYR A 1 2.54 -13.06 8.84
CA TYR A 1 1.08 -12.81 9.04
C TYR A 1 0.42 -12.61 7.68
N ARG A 2 -0.91 -12.81 7.64
CA ARG A 2 -1.68 -12.65 6.41
C ARG A 2 -1.76 -11.17 6.02
N GLN A 3 -1.71 -10.92 4.71
CA GLN A 3 -1.79 -9.55 4.19
C GLN A 3 -2.86 -9.43 3.11
N SER A 4 -3.48 -8.26 3.03
CA SER A 4 -4.53 -8.02 2.04
C SER A 4 -3.97 -8.14 0.62
N SER A 5 -4.75 -8.77 -0.26
CA SER A 5 -4.33 -8.95 -1.65
C SER A 5 -4.15 -7.61 -2.34
N ALA A 6 -5.08 -6.68 -2.08
CA ALA A 6 -5.02 -5.35 -2.69
C ALA A 6 -3.75 -4.60 -2.30
N THR A 7 -3.36 -4.72 -1.03
CA THR A 7 -2.16 -4.03 -0.55
C THR A 7 -0.93 -4.59 -1.25
N SER A 8 0.00 -3.69 -1.59
CA SER A 8 1.23 -4.08 -2.28
C SER A 8 2.21 -2.90 -2.36
N SER A 9 2.14 -2.00 -1.37
CA SER A 9 3.02 -0.84 -1.33
C SER A 9 2.92 -0.04 -2.64
N PHE A 10 1.70 0.06 -3.17
CA PHE A 10 1.46 0.78 -4.43
C PHE A 10 1.04 2.25 -4.15
N GLY A 11 1.40 2.76 -2.96
CA GLY A 11 1.05 4.13 -2.58
C GLY A 11 -0.24 4.20 -1.75
N GLY A 12 -0.97 3.08 -1.65
CA GLY A 12 -2.21 3.04 -0.88
C GLY A 12 -3.29 3.92 -1.50
N LEU A 13 -3.35 3.90 -2.83
CA LEU A 13 -4.33 4.70 -3.57
C LEU A 13 -5.75 4.31 -3.16
N GLY A 14 -5.97 3.00 -2.98
CA GLY A 14 -7.29 2.51 -2.60
C GLY A 14 -7.72 3.07 -1.26
N GLY A 15 -6.76 3.15 -0.32
CA GLY A 15 -7.04 3.68 1.02
C GLY A 15 -5.78 3.68 1.87
N GLY A 16 -5.90 4.20 3.09
CA GLY A 16 -4.77 4.26 4.02
C GLY A 16 -3.86 5.44 3.68
N SER A 17 -2.73 5.50 4.37
CA SER A 17 -1.76 6.58 4.16
C SER A 17 -1.04 6.40 2.83
N VAL A 18 -0.39 7.46 2.37
CA VAL A 18 0.36 7.43 1.11
C VAL A 18 1.85 7.51 1.39
N ARG A 19 2.60 6.54 0.86
CA ARG A 19 4.04 6.50 1.06
C ARG A 19 4.69 7.65 0.29
N PHE A 20 5.57 8.37 0.97
CA PHE A 20 6.27 9.50 0.36
C PHE A 20 7.71 9.13 0.05
N GLY A 21 8.28 9.80 -0.95
CA GLY A 21 9.65 9.54 -1.36
C GLY A 21 10.64 10.23 -0.40
N PRO A 22 11.87 10.51 -0.82
CA PRO A 22 12.89 11.18 0.06
C PRO A 22 12.54 12.65 0.32
N GLY A 23 11.49 12.86 1.13
CA GLY A 23 11.03 14.20 1.47
C GLY A 23 11.84 14.77 2.62
N TYR A 1 6.27 -3.26 9.72
CA TYR A 1 5.60 -1.97 9.38
C TYR A 1 4.23 -2.26 8.77
N ARG A 2 3.34 -1.26 8.83
CA ARG A 2 1.99 -1.40 8.28
C ARG A 2 2.05 -1.54 6.76
N GLN A 3 1.34 -2.54 6.24
CA GLN A 3 1.31 -2.78 4.80
C GLN A 3 -0.14 -2.86 4.32
N SER A 4 -0.45 -2.12 3.26
CA SER A 4 -1.80 -2.11 2.69
C SER A 4 -2.12 -3.46 2.07
N SER A 5 -3.41 -3.84 2.13
CA SER A 5 -3.86 -5.11 1.57
C SER A 5 -3.62 -5.15 0.06
N ALA A 6 -3.88 -4.02 -0.61
CA ALA A 6 -3.69 -3.93 -2.05
C ALA A 6 -2.21 -4.08 -2.40
N THR A 7 -1.94 -4.79 -3.50
CA THR A 7 -0.57 -4.99 -3.95
C THR A 7 -0.02 -3.69 -4.53
N SER A 8 1.17 -3.30 -4.06
CA SER A 8 1.81 -2.06 -4.52
C SER A 8 0.86 -0.87 -4.33
N SER A 9 1.26 0.31 -4.82
CA SER A 9 0.44 1.51 -4.70
C SER A 9 -0.14 1.89 -6.06
N PHE A 10 -1.46 2.08 -6.10
CA PHE A 10 -2.15 2.45 -7.33
C PHE A 10 -3.46 3.17 -7.03
N GLY A 11 -3.94 3.95 -8.01
CA GLY A 11 -5.18 4.70 -7.86
C GLY A 11 -6.36 3.90 -8.40
N GLY A 12 -6.36 2.60 -8.09
CA GLY A 12 -7.41 1.70 -8.55
C GLY A 12 -8.38 1.38 -7.41
N LEU A 13 -8.38 0.12 -7.00
CA LEU A 13 -9.26 -0.35 -5.94
C LEU A 13 -8.97 0.39 -4.64
N GLY A 14 -7.68 0.62 -4.37
CA GLY A 14 -7.27 1.31 -3.15
C GLY A 14 -7.73 0.56 -1.90
N GLY A 15 -8.38 1.29 -1.00
CA GLY A 15 -8.88 0.70 0.25
C GLY A 15 -7.73 0.35 1.20
N GLY A 16 -6.64 1.10 1.11
CA GLY A 16 -5.48 0.87 1.97
C GLY A 16 -4.58 2.11 2.03
N SER A 17 -3.56 2.04 2.89
CA SER A 17 -2.64 3.16 3.06
C SER A 17 -1.80 3.37 1.80
N VAL A 18 -1.33 4.60 1.62
CA VAL A 18 -0.51 4.96 0.46
C VAL A 18 0.94 5.14 0.88
N ARG A 19 1.84 4.46 0.19
CA ARG A 19 3.27 4.52 0.48
C ARG A 19 3.87 5.80 -0.11
N PHE A 20 4.60 6.53 0.71
CA PHE A 20 5.23 7.78 0.28
C PHE A 20 6.74 7.69 0.41
N GLY A 21 7.44 8.33 -0.53
CA GLY A 21 8.90 8.35 -0.53
C GLY A 21 9.41 9.52 0.33
N PRO A 22 10.64 9.99 0.12
CA PRO A 22 11.21 11.12 0.92
C PRO A 22 10.60 12.46 0.49
N GLY A 23 9.29 12.60 0.72
CA GLY A 23 8.57 13.82 0.36
C GLY A 23 8.70 14.88 1.46
N TYR A 1 -0.53 -13.92 10.39
CA TYR A 1 0.21 -13.48 9.17
C TYR A 1 -0.53 -12.31 8.53
N ARG A 2 -0.05 -11.10 8.77
CA ARG A 2 -0.67 -9.89 8.22
C ARG A 2 -0.49 -9.87 6.70
N GLN A 3 -1.60 -9.60 6.00
CA GLN A 3 -1.57 -9.54 4.53
C GLN A 3 -2.21 -8.26 4.04
N SER A 4 -1.71 -7.75 2.91
CA SER A 4 -2.24 -6.52 2.32
C SER A 4 -3.67 -6.72 1.83
N SER A 5 -4.47 -5.66 1.92
CA SER A 5 -5.86 -5.72 1.49
C SER A 5 -5.95 -6.00 -0.01
N ALA A 6 -5.05 -5.37 -0.78
CA ALA A 6 -5.02 -5.55 -2.22
C ALA A 6 -3.60 -5.41 -2.76
N THR A 7 -3.33 -6.07 -3.88
CA THR A 7 -2.01 -6.02 -4.50
C THR A 7 -1.67 -4.60 -4.94
N SER A 8 -0.48 -4.13 -4.55
CA SER A 8 -0.05 -2.78 -4.91
C SER A 8 -1.11 -1.75 -4.52
N SER A 9 -1.00 -0.51 -5.03
CA SER A 9 -1.97 0.54 -4.74
C SER A 9 -2.15 1.45 -5.95
N PHE A 10 -3.30 2.13 -6.00
CA PHE A 10 -3.61 3.03 -7.10
C PHE A 10 -4.61 4.10 -6.65
N GLY A 11 -4.71 5.18 -7.42
CA GLY A 11 -5.65 6.25 -7.08
C GLY A 11 -7.09 5.78 -7.26
N GLY A 12 -7.94 6.10 -6.28
CA GLY A 12 -9.35 5.69 -6.32
C GLY A 12 -9.73 4.92 -5.06
N LEU A 13 -8.94 3.89 -4.75
CA LEU A 13 -9.20 3.08 -3.57
C LEU A 13 -8.05 2.10 -3.33
N GLY A 14 -7.95 1.59 -2.10
CA GLY A 14 -6.90 0.64 -1.75
C GLY A 14 -6.96 0.28 -0.27
N GLY A 15 -6.01 -0.54 0.17
CA GLY A 15 -5.96 -0.96 1.57
C GLY A 15 -5.75 0.24 2.49
N GLY A 16 -4.91 1.17 2.07
CA GLY A 16 -4.62 2.36 2.84
C GLY A 16 -3.70 3.31 2.07
N SER A 17 -3.30 4.40 2.73
CA SER A 17 -2.41 5.39 2.11
C SER A 17 -1.00 4.82 1.94
N VAL A 18 -0.22 5.46 1.08
CA VAL A 18 1.14 5.03 0.82
C VAL A 18 2.13 6.11 1.24
N ARG A 19 3.12 5.72 2.04
CA ARG A 19 4.13 6.64 2.54
C ARG A 19 5.18 6.89 1.46
N PHE A 20 5.45 8.17 1.21
CA PHE A 20 6.43 8.56 0.19
C PHE A 20 7.59 9.32 0.83
N GLY A 21 8.79 9.12 0.29
CA GLY A 21 9.99 9.78 0.78
C GLY A 21 10.16 11.14 0.09
N PRO A 22 11.37 11.71 0.04
CA PRO A 22 11.60 13.03 -0.62
C PRO A 22 11.58 12.90 -2.15
N GLY A 23 10.41 12.54 -2.68
CA GLY A 23 10.23 12.38 -4.12
C GLY A 23 9.92 13.71 -4.78
N TYR A 1 11.12 -5.74 8.31
CA TYR A 1 10.69 -5.65 6.89
C TYR A 1 9.46 -4.74 6.81
N ARG A 2 9.36 -4.00 5.70
CA ARG A 2 8.25 -3.08 5.48
C ARG A 2 7.65 -3.28 4.09
N GLN A 3 6.34 -3.04 3.98
CA GLN A 3 5.63 -3.19 2.71
C GLN A 3 4.43 -2.26 2.64
N SER A 4 3.99 -1.95 1.42
CA SER A 4 2.85 -1.08 1.21
C SER A 4 1.56 -1.73 1.71
N SER A 5 0.65 -0.91 2.23
CA SER A 5 -0.62 -1.40 2.75
C SER A 5 -1.42 -2.07 1.64
N ALA A 6 -1.44 -1.44 0.47
CA ALA A 6 -2.18 -1.96 -0.69
C ALA A 6 -1.47 -1.58 -1.98
N THR A 7 -1.70 -2.39 -3.02
CA THR A 7 -1.12 -2.14 -4.32
C THR A 7 -2.09 -1.30 -5.14
N SER A 8 -1.56 -0.28 -5.81
CA SER A 8 -2.40 0.61 -6.63
C SER A 8 -2.29 0.29 -8.13
N SER A 9 -1.61 -0.81 -8.47
CA SER A 9 -1.43 -1.21 -9.86
C SER A 9 -2.76 -1.50 -10.54
N PHE A 10 -3.67 -2.17 -9.82
CA PHE A 10 -4.98 -2.50 -10.37
C PHE A 10 -5.81 -1.24 -10.62
N GLY A 11 -5.66 -0.26 -9.72
CA GLY A 11 -6.40 0.99 -9.80
C GLY A 11 -6.91 1.37 -8.42
N GLY A 12 -7.95 2.20 -8.37
CA GLY A 12 -8.54 2.62 -7.09
C GLY A 12 -9.96 2.08 -6.92
N LEU A 13 -10.05 0.89 -6.34
CA LEU A 13 -11.34 0.24 -6.10
C LEU A 13 -11.36 -0.40 -4.72
N GLY A 14 -10.20 -0.89 -4.27
CA GLY A 14 -10.09 -1.53 -2.97
C GLY A 14 -10.49 -0.59 -1.85
N GLY A 15 -10.07 0.68 -1.97
CA GLY A 15 -10.38 1.69 -0.97
C GLY A 15 -9.29 1.75 0.10
N GLY A 16 -9.34 2.80 0.93
CA GLY A 16 -8.37 2.98 2.00
C GLY A 16 -7.16 3.77 1.51
N SER A 17 -6.33 4.24 2.44
CA SER A 17 -5.14 5.00 2.11
C SER A 17 -4.08 4.10 1.50
N VAL A 18 -3.10 4.72 0.83
CA VAL A 18 -2.01 3.98 0.20
C VAL A 18 -0.68 4.44 0.77
N ARG A 19 0.13 3.46 1.21
CA ARG A 19 1.44 3.76 1.79
C ARG A 19 2.45 4.02 0.68
N PHE A 20 3.26 5.05 0.86
CA PHE A 20 4.28 5.42 -0.12
C PHE A 20 5.67 5.36 0.47
N GLY A 21 6.63 4.94 -0.35
CA GLY A 21 8.02 4.85 0.07
C GLY A 21 8.64 6.26 0.02
N PRO A 22 9.93 6.43 0.29
CA PRO A 22 10.57 7.78 0.25
C PRO A 22 10.21 8.52 -1.05
N GLY A 23 9.21 9.41 -0.95
CA GLY A 23 8.75 10.18 -2.11
C GLY A 23 8.60 11.65 -1.75
N TYR A 1 -8.33 -7.32 -6.89
CA TYR A 1 -9.73 -6.89 -6.58
C TYR A 1 -9.79 -6.34 -5.15
N ARG A 2 -10.95 -5.77 -4.79
CA ARG A 2 -11.15 -5.17 -3.47
C ARG A 2 -11.00 -6.20 -2.34
N GLN A 3 -11.52 -7.41 -2.56
CA GLN A 3 -11.46 -8.46 -1.54
C GLN A 3 -10.04 -9.05 -1.42
N SER A 4 -9.15 -8.70 -2.35
CA SER A 4 -7.77 -9.20 -2.33
C SER A 4 -7.04 -8.69 -1.09
N SER A 5 -6.10 -9.50 -0.59
CA SER A 5 -5.33 -9.13 0.59
C SER A 5 -4.52 -7.86 0.33
N ALA A 6 -4.04 -7.70 -0.90
CA ALA A 6 -3.24 -6.53 -1.28
C ALA A 6 -2.06 -6.36 -0.34
N THR A 7 -1.24 -5.34 -0.61
CA THR A 7 -0.07 -5.05 0.22
C THR A 7 -0.11 -3.60 0.68
N SER A 8 0.46 -3.35 1.85
CA SER A 8 0.50 -1.99 2.42
C SER A 8 1.81 -1.26 2.09
N SER A 9 2.69 -1.91 1.32
CA SER A 9 3.97 -1.31 0.96
C SER A 9 3.76 -0.03 0.14
N PHE A 10 2.76 -0.05 -0.75
CA PHE A 10 2.47 1.10 -1.59
C PHE A 10 1.33 1.93 -1.00
N GLY A 11 1.31 3.23 -1.31
CA GLY A 11 0.26 4.11 -0.81
C GLY A 11 -1.05 3.80 -1.54
N GLY A 12 -2.15 3.82 -0.78
CA GLY A 12 -3.46 3.52 -1.36
C GLY A 12 -4.24 2.56 -0.47
N LEU A 13 -5.12 1.78 -1.11
CA LEU A 13 -5.94 0.79 -0.39
C LEU A 13 -5.09 -0.08 0.56
N GLY A 14 -3.79 -0.16 0.29
CA GLY A 14 -2.88 -0.97 1.11
C GLY A 14 -2.86 -0.45 2.55
N GLY A 15 -2.86 0.87 2.70
CA GLY A 15 -2.84 1.49 4.03
C GLY A 15 -3.35 2.92 3.98
N GLY A 16 -3.83 3.42 5.12
CA GLY A 16 -4.35 4.78 5.21
C GLY A 16 -3.27 5.81 4.89
N SER A 17 -2.06 5.55 5.39
CA SER A 17 -0.94 6.46 5.15
C SER A 17 -0.46 6.40 3.71
N VAL A 18 0.28 7.42 3.30
CA VAL A 18 0.80 7.49 1.94
C VAL A 18 2.33 7.63 1.98
N ARG A 19 3.00 6.80 1.18
CA ARG A 19 4.46 6.83 1.11
C ARG A 19 4.94 8.02 0.28
N PHE A 20 5.95 8.72 0.79
CA PHE A 20 6.52 9.88 0.11
C PHE A 20 7.99 9.66 -0.21
N GLY A 21 8.43 10.22 -1.33
CA GLY A 21 9.82 10.10 -1.75
C GLY A 21 10.67 11.21 -1.11
N PRO A 22 11.85 11.53 -1.66
CA PRO A 22 12.71 12.61 -1.08
C PRO A 22 12.15 14.01 -1.36
N GLY A 23 10.99 14.29 -0.78
CA GLY A 23 10.33 15.59 -0.95
C GLY A 23 10.94 16.64 -0.03
N TYR A 1 4.66 -11.48 3.60
CA TYR A 1 3.85 -10.68 4.57
C TYR A 1 3.27 -9.46 3.87
N ARG A 2 1.95 -9.44 3.73
CA ARG A 2 1.25 -8.33 3.08
C ARG A 2 0.36 -7.60 4.08
N GLN A 3 0.71 -6.35 4.37
CA GLN A 3 -0.07 -5.54 5.30
C GLN A 3 -1.48 -5.29 4.77
N SER A 4 -1.56 -5.00 3.47
CA SER A 4 -2.84 -4.75 2.82
C SER A 4 -3.32 -5.97 2.05
N SER A 5 -4.60 -6.31 2.21
CA SER A 5 -5.19 -7.46 1.53
C SER A 5 -5.16 -7.25 0.02
N ALA A 6 -5.44 -6.02 -0.41
CA ALA A 6 -5.45 -5.68 -1.83
C ALA A 6 -4.05 -5.77 -2.42
N THR A 7 -3.97 -6.13 -3.71
CA THR A 7 -2.69 -6.25 -4.39
C THR A 7 -2.15 -4.87 -4.72
N SER A 8 -0.85 -4.80 -5.02
CA SER A 8 -0.20 -3.53 -5.35
C SER A 8 0.38 -3.55 -6.78
N SER A 9 -0.08 -4.50 -7.61
CA SER A 9 0.40 -4.61 -8.99
C SER A 9 0.06 -3.35 -9.78
N PHE A 10 -1.15 -2.84 -9.55
CA PHE A 10 -1.60 -1.62 -10.24
C PHE A 10 -0.95 -0.34 -9.65
N GLY A 11 -0.14 -0.51 -8.60
CA GLY A 11 0.50 0.62 -7.94
C GLY A 11 -0.58 1.54 -7.35
N GLY A 12 -0.47 2.83 -7.62
CA GLY A 12 -1.45 3.79 -7.12
C GLY A 12 -1.56 3.72 -5.61
N LEU A 13 -2.80 3.61 -5.13
CA LEU A 13 -3.07 3.53 -3.69
C LEU A 13 -2.68 2.16 -3.12
N GLY A 14 -2.88 1.11 -3.93
CA GLY A 14 -2.55 -0.25 -3.50
C GLY A 14 -3.50 -0.73 -2.39
N GLY A 15 -4.73 -0.21 -2.40
CA GLY A 15 -5.72 -0.58 -1.38
C GLY A 15 -5.37 0.01 -0.01
N GLY A 16 -4.65 1.13 -0.01
CA GLY A 16 -4.24 1.79 1.22
C GLY A 16 -3.41 3.03 0.93
N SER A 17 -2.80 3.59 1.96
CA SER A 17 -1.98 4.79 1.81
C SER A 17 -0.69 4.46 1.06
N VAL A 18 -0.05 5.48 0.51
CA VAL A 18 1.20 5.31 -0.23
C VAL A 18 2.34 6.06 0.46
N ARG A 19 3.44 5.33 0.70
CA ARG A 19 4.61 5.92 1.36
C ARG A 19 5.44 6.70 0.35
N PHE A 20 5.81 7.92 0.74
CA PHE A 20 6.61 8.79 -0.11
C PHE A 20 7.92 9.14 0.56
N GLY A 21 8.90 9.55 -0.26
CA GLY A 21 10.21 9.93 0.26
C GLY A 21 10.14 11.31 0.92
N PRO A 22 11.22 12.10 0.93
CA PRO A 22 11.21 13.45 1.57
C PRO A 22 10.03 14.31 1.09
N GLY A 23 9.52 14.01 -0.11
CA GLY A 23 8.39 14.75 -0.68
C GLY A 23 8.88 15.97 -1.46
N TYR A 1 -0.68 -12.92 -6.77
CA TYR A 1 -1.06 -11.49 -6.54
C TYR A 1 -1.61 -11.32 -5.13
N ARG A 2 -1.52 -10.10 -4.60
CA ARG A 2 -2.01 -9.80 -3.26
C ARG A 2 -3.39 -9.14 -3.34
N GLN A 3 -4.38 -9.77 -2.71
CA GLN A 3 -5.74 -9.25 -2.71
C GLN A 3 -5.85 -7.93 -1.93
N SER A 4 -4.99 -7.78 -0.91
CA SER A 4 -4.98 -6.56 -0.10
C SER A 4 -4.57 -5.36 -0.93
N SER A 5 -5.23 -4.23 -0.69
CA SER A 5 -4.94 -2.99 -1.42
C SER A 5 -3.50 -2.53 -1.15
N ALA A 6 -3.04 -2.75 0.09
CA ALA A 6 -1.69 -2.35 0.47
C ALA A 6 -0.64 -3.12 -0.34
N THR A 7 0.46 -2.45 -0.65
CA THR A 7 1.54 -3.09 -1.41
C THR A 7 2.31 -4.02 -0.49
N SER A 8 3.02 -4.98 -1.08
CA SER A 8 3.80 -5.94 -0.31
C SER A 8 5.30 -5.60 -0.34
N SER A 9 5.72 -4.78 -1.30
CA SER A 9 7.12 -4.39 -1.42
C SER A 9 7.28 -2.87 -1.24
N PHE A 10 7.50 -2.46 0.01
CA PHE A 10 7.68 -1.05 0.34
C PHE A 10 8.41 -0.89 1.67
N GLY A 11 8.80 0.34 2.00
CA GLY A 11 9.55 0.59 3.24
C GLY A 11 8.80 0.09 4.45
N GLY A 12 7.49 0.36 4.50
CA GLY A 12 6.65 -0.10 5.60
C GLY A 12 6.04 -1.46 5.26
N LEU A 13 5.27 -2.01 6.19
CA LEU A 13 4.60 -3.30 5.95
C LEU A 13 3.24 -3.34 6.63
N GLY A 14 2.21 -3.51 5.80
CA GLY A 14 0.84 -3.57 6.29
C GLY A 14 0.28 -2.18 6.56
N GLY A 15 -0.95 -2.13 7.06
CA GLY A 15 -1.61 -0.86 7.38
C GLY A 15 -2.46 -0.38 6.21
N GLY A 16 -3.58 0.26 6.51
CA GLY A 16 -4.48 0.77 5.48
C GLY A 16 -3.80 1.84 4.63
N SER A 17 -3.03 2.71 5.28
CA SER A 17 -2.32 3.79 4.58
C SER A 17 -1.15 3.24 3.78
N VAL A 18 -0.68 4.06 2.84
CA VAL A 18 0.46 3.69 1.99
C VAL A 18 1.56 4.73 2.13
N ARG A 19 2.79 4.24 2.39
CA ARG A 19 3.93 5.13 2.56
C ARG A 19 4.47 5.53 1.19
N PHE A 20 4.74 6.82 1.04
CA PHE A 20 5.26 7.37 -0.22
C PHE A 20 6.62 8.03 -0.01
N GLY A 21 7.48 7.91 -1.02
CA GLY A 21 8.81 8.49 -0.97
C GLY A 21 8.77 9.94 -1.49
N PRO A 22 9.89 10.50 -1.96
CA PRO A 22 9.91 11.90 -2.48
C PRO A 22 9.27 12.00 -3.87
N GLY A 23 7.97 11.68 -3.94
CA GLY A 23 7.23 11.72 -5.19
C GLY A 23 6.79 13.14 -5.51
N TYR A 1 -3.40 -17.94 -7.80
CA TYR A 1 -3.39 -17.23 -6.49
C TYR A 1 -4.44 -16.13 -6.50
N ARG A 2 -5.26 -16.10 -5.45
CA ARG A 2 -6.32 -15.10 -5.35
C ARG A 2 -5.74 -13.70 -5.26
N GLN A 3 -4.63 -13.56 -4.52
CA GLN A 3 -3.97 -12.27 -4.36
C GLN A 3 -4.96 -11.22 -3.84
N SER A 4 -4.96 -11.03 -2.52
CA SER A 4 -5.86 -10.05 -1.89
C SER A 4 -5.47 -8.63 -2.29
N SER A 5 -6.47 -7.76 -2.39
CA SER A 5 -6.25 -6.37 -2.77
C SER A 5 -5.38 -5.66 -1.73
N ALA A 6 -5.57 -6.02 -0.46
CA ALA A 6 -4.80 -5.41 0.63
C ALA A 6 -3.32 -5.77 0.51
N THR A 7 -2.46 -4.86 0.96
CA THR A 7 -1.01 -5.06 0.92
C THR A 7 -0.59 -6.09 1.96
N SER A 8 0.67 -6.51 1.88
CA SER A 8 1.20 -7.51 2.81
C SER A 8 2.56 -7.08 3.36
N SER A 9 2.94 -7.65 4.49
CA SER A 9 4.21 -7.31 5.13
C SER A 9 4.31 -5.80 5.38
N PHE A 10 3.18 -5.20 5.78
CA PHE A 10 3.12 -3.77 6.06
C PHE A 10 2.66 -3.49 7.50
N GLY A 11 2.80 -4.49 8.38
CA GLY A 11 2.37 -4.36 9.77
C GLY A 11 0.95 -4.91 9.99
N GLY A 12 0.23 -5.17 8.88
CA GLY A 12 -1.13 -5.71 8.96
C GLY A 12 -2.14 -4.69 9.47
N LEU A 13 -1.83 -3.40 9.32
CA LEU A 13 -2.73 -2.33 9.78
C LEU A 13 -3.78 -1.98 8.72
N GLY A 14 -3.99 -2.89 7.76
CA GLY A 14 -4.97 -2.66 6.69
C GLY A 14 -4.67 -1.36 5.94
N GLY A 15 -5.70 -0.54 5.77
CA GLY A 15 -5.55 0.73 5.07
C GLY A 15 -4.79 1.74 5.93
N GLY A 16 -4.15 2.70 5.27
CA GLY A 16 -3.37 3.73 5.98
C GLY A 16 -2.67 4.65 5.00
N SER A 17 -1.87 5.58 5.53
CA SER A 17 -1.13 6.54 4.70
C SER A 17 -0.01 5.83 3.96
N VAL A 18 0.49 6.49 2.91
CA VAL A 18 1.58 5.94 2.10
C VAL A 18 2.79 6.87 2.15
N ARG A 19 3.95 6.28 2.46
CA ARG A 19 5.19 7.04 2.55
C ARG A 19 5.77 7.27 1.17
N PHE A 20 6.14 8.52 0.89
CA PHE A 20 6.71 8.89 -0.40
C PHE A 20 8.11 9.46 -0.23
N GLY A 21 8.88 9.44 -1.31
CA GLY A 21 10.24 9.96 -1.29
C GLY A 21 10.22 11.49 -1.32
N PRO A 22 11.24 12.16 -1.86
CA PRO A 22 11.27 13.66 -1.91
C PRO A 22 9.97 14.26 -2.45
N GLY A 23 9.26 13.48 -3.27
CA GLY A 23 8.00 13.93 -3.86
C GLY A 23 8.25 14.71 -5.16
N TYR A 1 4.75 -9.94 9.80
CA TYR A 1 4.47 -9.66 8.36
C TYR A 1 3.01 -9.27 8.20
N ARG A 2 2.73 -8.39 7.23
CA ARG A 2 1.38 -7.94 6.97
C ARG A 2 1.04 -8.06 5.49
N GLN A 3 -0.22 -8.35 5.19
CA GLN A 3 -0.68 -8.50 3.81
C GLN A 3 -1.84 -7.55 3.54
N SER A 4 -1.72 -6.78 2.45
CA SER A 4 -2.77 -5.83 2.06
C SER A 4 -4.00 -6.55 1.56
N SER A 5 -5.14 -5.84 1.55
CA SER A 5 -6.40 -6.43 1.09
C SER A 5 -6.29 -6.85 -0.38
N ALA A 6 -5.64 -6.01 -1.19
CA ALA A 6 -5.48 -6.29 -2.62
C ALA A 6 -4.00 -6.39 -2.97
N THR A 7 -3.63 -7.47 -3.64
CA THR A 7 -2.24 -7.69 -4.05
C THR A 7 -2.19 -8.25 -5.48
N SER A 8 -2.87 -7.55 -6.40
CA SER A 8 -2.91 -7.96 -7.80
C SER A 8 -2.41 -6.84 -8.70
N SER A 9 -2.84 -5.60 -8.41
CA SER A 9 -2.44 -4.45 -9.20
C SER A 9 -0.94 -4.22 -9.10
N PHE A 10 -0.39 -4.36 -7.89
CA PHE A 10 1.04 -4.18 -7.66
C PHE A 10 1.61 -5.23 -6.70
N GLY A 11 0.73 -5.92 -5.96
CA GLY A 11 1.16 -6.98 -5.03
C GLY A 11 1.94 -6.42 -3.85
N GLY A 12 1.58 -5.21 -3.41
CA GLY A 12 2.26 -4.57 -2.29
C GLY A 12 1.29 -4.09 -1.21
N LEU A 13 1.81 -3.30 -0.29
CA LEU A 13 1.02 -2.74 0.82
C LEU A 13 -0.29 -2.13 0.32
N GLY A 14 -1.27 -2.02 1.23
CA GLY A 14 -2.57 -1.44 0.87
C GLY A 14 -3.44 -1.27 2.11
N GLY A 15 -4.67 -0.77 1.90
CA GLY A 15 -5.61 -0.56 3.00
C GLY A 15 -5.20 0.64 3.87
N GLY A 16 -4.46 1.58 3.29
CA GLY A 16 -4.02 2.77 4.02
C GLY A 16 -3.24 3.72 3.12
N SER A 17 -2.76 4.81 3.71
CA SER A 17 -1.99 5.81 2.96
C SER A 17 -0.62 5.27 2.60
N VAL A 18 0.04 5.93 1.65
CA VAL A 18 1.37 5.52 1.20
C VAL A 18 2.39 6.60 1.57
N ARG A 19 3.45 6.17 2.25
CA ARG A 19 4.51 7.08 2.67
C ARG A 19 5.45 7.37 1.52
N PHE A 20 5.76 8.65 1.32
CA PHE A 20 6.64 9.08 0.24
C PHE A 20 7.88 9.78 0.80
N GLY A 21 9.00 9.60 0.10
CA GLY A 21 10.26 10.23 0.50
C GLY A 21 10.37 11.65 -0.11
N PRO A 22 11.56 12.22 -0.22
CA PRO A 22 11.73 13.59 -0.81
C PRO A 22 11.56 13.57 -2.34
N GLY A 23 10.34 13.24 -2.78
CA GLY A 23 10.03 13.18 -4.22
C GLY A 23 9.68 14.56 -4.75
N TYR A 1 2.03 -6.09 7.98
CA TYR A 1 1.36 -7.41 7.87
C TYR A 1 0.28 -7.33 6.78
N ARG A 2 0.44 -8.17 5.75
CA ARG A 2 -0.53 -8.20 4.65
C ARG A 2 -1.53 -9.34 4.87
N GLN A 3 -2.81 -8.97 4.99
CA GLN A 3 -3.88 -9.96 5.20
C GLN A 3 -4.91 -9.89 4.07
N SER A 4 -5.25 -8.66 3.66
CA SER A 4 -6.22 -8.46 2.59
C SER A 4 -5.72 -9.02 1.27
N SER A 5 -6.64 -9.55 0.48
CA SER A 5 -6.31 -10.13 -0.82
C SER A 5 -5.74 -9.06 -1.76
N ALA A 6 -6.25 -7.84 -1.63
CA ALA A 6 -5.79 -6.73 -2.47
C ALA A 6 -4.32 -6.43 -2.21
N THR A 7 -3.61 -6.03 -3.27
CA THR A 7 -2.20 -5.70 -3.15
C THR A 7 -2.06 -4.32 -2.52
N SER A 8 -0.88 -4.03 -1.96
CA SER A 8 -0.62 -2.75 -1.31
C SER A 8 0.26 -1.84 -2.19
N SER A 9 0.37 -2.18 -3.48
CA SER A 9 1.18 -1.40 -4.41
C SER A 9 0.55 -0.03 -4.71
N PHE A 10 -0.71 0.18 -4.31
CA PHE A 10 -1.39 1.45 -4.56
C PHE A 10 -2.20 1.87 -3.33
N GLY A 11 -2.50 3.17 -3.24
CA GLY A 11 -3.31 3.69 -2.14
C GLY A 11 -4.78 3.37 -2.36
N GLY A 12 -5.46 2.95 -1.30
CA GLY A 12 -6.88 2.61 -1.39
C GLY A 12 -7.18 1.32 -0.63
N LEU A 13 -8.26 0.65 -1.03
CA LEU A 13 -8.68 -0.60 -0.39
C LEU A 13 -7.50 -1.56 -0.17
N GLY A 14 -6.49 -1.45 -1.04
CA GLY A 14 -5.30 -2.30 -0.94
C GLY A 14 -4.57 -2.08 0.38
N GLY A 15 -4.49 -0.83 0.81
CA GLY A 15 -3.81 -0.49 2.07
C GLY A 15 -3.82 1.02 2.30
N GLY A 16 -3.12 1.45 3.36
CA GLY A 16 -3.05 2.87 3.71
C GLY A 16 -2.10 3.61 2.77
N SER A 17 -2.07 4.93 2.90
CA SER A 17 -1.20 5.78 2.07
C SER A 17 0.26 5.52 2.39
N VAL A 18 1.13 5.74 1.40
CA VAL A 18 2.57 5.54 1.57
C VAL A 18 3.26 6.89 1.61
N ARG A 19 4.09 7.09 2.64
CA ARG A 19 4.82 8.34 2.81
C ARG A 19 6.05 8.36 1.88
N PHE A 20 6.25 9.48 1.21
CA PHE A 20 7.37 9.65 0.29
C PHE A 20 8.27 10.79 0.72
N GLY A 21 9.58 10.63 0.48
CA GLY A 21 10.56 11.65 0.83
C GLY A 21 10.67 12.69 -0.29
N PRO A 22 11.77 13.45 -0.38
CA PRO A 22 11.94 14.47 -1.45
C PRO A 22 12.25 13.83 -2.81
N GLY A 23 11.29 13.06 -3.32
CA GLY A 23 11.44 12.38 -4.61
C GLY A 23 11.15 13.33 -5.76
N TYR A 1 10.01 -11.61 0.76
CA TYR A 1 9.21 -10.53 0.12
C TYR A 1 7.74 -10.70 0.47
N ARG A 2 7.19 -9.71 1.16
CA ARG A 2 5.78 -9.74 1.58
C ARG A 2 4.91 -8.79 0.76
N GLN A 3 5.42 -8.36 -0.40
CA GLN A 3 4.69 -7.43 -1.27
C GLN A 3 4.34 -6.15 -0.52
N SER A 4 3.72 -5.20 -1.22
CA SER A 4 3.33 -3.93 -0.62
C SER A 4 2.19 -4.14 0.37
N SER A 5 2.19 -3.32 1.43
CA SER A 5 1.15 -3.40 2.46
C SER A 5 -0.23 -3.11 1.87
N ALA A 6 -0.28 -2.18 0.92
CA ALA A 6 -1.54 -1.80 0.27
C ALA A 6 -1.29 -1.28 -1.13
N THR A 7 -2.37 -1.23 -1.92
CA THR A 7 -2.30 -0.73 -3.29
C THR A 7 -3.46 0.22 -3.54
N SER A 8 -3.26 1.20 -4.43
CA SER A 8 -4.30 2.19 -4.73
C SER A 8 -4.70 2.89 -3.44
N SER A 9 -5.84 3.61 -3.45
CA SER A 9 -6.31 4.31 -2.25
C SER A 9 -7.82 4.15 -2.10
N PHE A 10 -8.27 4.09 -0.85
CA PHE A 10 -9.69 3.96 -0.54
C PHE A 10 -9.97 4.40 0.90
N GLY A 11 -11.22 4.76 1.17
CA GLY A 11 -11.62 5.23 2.51
C GLY A 11 -11.82 4.07 3.49
N GLY A 12 -11.83 2.83 2.98
CA GLY A 12 -12.03 1.65 3.82
C GLY A 12 -10.93 1.52 4.87
N LEU A 13 -9.68 1.75 4.46
CA LEU A 13 -8.54 1.63 5.37
C LEU A 13 -7.44 2.62 4.99
N GLY A 14 -7.26 2.82 3.68
CA GLY A 14 -6.23 3.73 3.18
C GLY A 14 -6.45 5.15 3.69
N GLY A 15 -7.72 5.57 3.71
CA GLY A 15 -8.07 6.91 4.17
C GLY A 15 -7.76 7.96 3.10
N GLY A 16 -7.90 9.23 3.47
CA GLY A 16 -7.62 10.32 2.54
C GLY A 16 -6.17 10.30 2.10
N SER A 17 -5.27 10.02 3.04
CA SER A 17 -3.83 9.96 2.75
C SER A 17 -3.51 8.73 1.92
N VAL A 18 -2.42 8.82 1.16
CA VAL A 18 -1.97 7.72 0.31
C VAL A 18 -0.67 7.13 0.86
N ARG A 19 -0.66 5.80 1.02
CA ARG A 19 0.52 5.11 1.54
C ARG A 19 1.57 4.97 0.45
N PHE A 20 2.83 5.26 0.80
CA PHE A 20 3.94 5.16 -0.14
C PHE A 20 4.97 4.16 0.33
N GLY A 21 5.59 3.46 -0.62
CA GLY A 21 6.63 2.49 -0.30
C GLY A 21 7.95 3.24 -0.07
N PRO A 22 9.07 2.56 0.15
CA PRO A 22 10.37 3.27 0.39
C PRO A 22 10.63 4.34 -0.68
N GLY A 23 10.31 5.59 -0.33
CA GLY A 23 10.50 6.71 -1.25
C GLY A 23 11.20 7.87 -0.55
N TYR A 1 2.54 -16.34 -7.82
CA TYR A 1 2.26 -14.91 -7.48
C TYR A 1 1.34 -14.84 -6.27
N ARG A 2 1.54 -13.82 -5.44
CA ARG A 2 0.74 -13.64 -4.24
C ARG A 2 0.19 -12.21 -4.17
N GLN A 3 -1.00 -12.06 -3.60
CA GLN A 3 -1.64 -10.75 -3.47
C GLN A 3 -2.03 -10.50 -2.01
N SER A 4 -1.59 -9.36 -1.48
CA SER A 4 -1.89 -8.99 -0.10
C SER A 4 -3.35 -8.63 0.06
N SER A 5 -3.85 -8.68 1.30
CA SER A 5 -5.25 -8.35 1.58
C SER A 5 -5.54 -6.89 1.24
N ALA A 6 -4.57 -6.01 1.50
CA ALA A 6 -4.72 -4.58 1.22
C ALA A 6 -4.94 -4.35 -0.27
N THR A 7 -4.21 -5.09 -1.10
CA THR A 7 -4.32 -4.95 -2.55
C THR A 7 -5.76 -5.20 -3.00
N SER A 8 -6.30 -4.27 -3.78
CA SER A 8 -7.67 -4.38 -4.29
C SER A 8 -7.77 -3.81 -5.71
N SER A 9 -7.66 -2.48 -5.85
CA SER A 9 -7.75 -1.84 -7.16
C SER A 9 -6.84 -0.61 -7.27
N PHE A 10 -5.99 -0.38 -6.25
CA PHE A 10 -5.06 0.77 -6.26
C PHE A 10 -3.64 0.36 -6.62
N GLY A 11 -3.47 -0.84 -7.21
CA GLY A 11 -2.15 -1.33 -7.60
C GLY A 11 -1.48 -2.15 -6.49
N GLY A 12 -2.06 -2.15 -5.28
CA GLY A 12 -1.50 -2.91 -4.16
C GLY A 12 -0.19 -2.28 -3.67
N LEU A 13 -0.06 -0.97 -3.80
CA LEU A 13 1.16 -0.27 -3.38
C LEU A 13 1.41 -0.41 -1.86
N GLY A 14 0.42 -0.96 -1.13
CA GLY A 14 0.56 -1.15 0.32
C GLY A 14 -0.67 -0.63 1.09
N GLY A 15 -1.44 0.25 0.46
CA GLY A 15 -2.64 0.81 1.10
C GLY A 15 -3.15 2.03 0.35
N GLY A 16 -4.25 2.60 0.85
CA GLY A 16 -4.85 3.78 0.22
C GLY A 16 -3.88 4.95 0.23
N SER A 17 -3.16 5.11 1.34
CA SER A 17 -2.19 6.19 1.48
C SER A 17 -0.99 5.96 0.57
N VAL A 18 -0.33 7.05 0.19
CA VAL A 18 0.85 6.97 -0.68
C VAL A 18 2.10 7.31 0.12
N ARG A 19 3.10 6.42 0.04
CA ARG A 19 4.35 6.60 0.74
C ARG A 19 5.24 7.58 -0.02
N PHE A 20 5.85 8.51 0.70
CA PHE A 20 6.73 9.50 0.09
C PHE A 20 8.15 9.40 0.64
N GLY A 21 9.12 9.64 -0.24
CA GLY A 21 10.52 9.60 0.15
C GLY A 21 10.88 10.92 0.85
N PRO A 22 12.13 11.16 1.23
CA PRO A 22 12.52 12.44 1.92
C PRO A 22 11.96 13.66 1.18
N GLY A 23 10.82 14.16 1.67
CA GLY A 23 10.18 15.32 1.06
C GLY A 23 9.79 16.36 2.11
N TYR A 1 4.15 -7.16 2.52
CA TYR A 1 2.89 -6.56 3.04
C TYR A 1 3.22 -5.31 3.86
N ARG A 2 3.37 -4.18 3.18
CA ARG A 2 3.68 -2.92 3.86
C ARG A 2 2.55 -2.51 4.79
N GLN A 3 1.30 -2.68 4.32
CA GLN A 3 0.12 -2.36 5.11
C GLN A 3 -1.15 -2.65 4.30
N SER A 4 -1.11 -2.34 3.01
CA SER A 4 -2.25 -2.55 2.12
C SER A 4 -2.52 -4.06 1.95
N SER A 5 -3.80 -4.42 1.93
CA SER A 5 -4.19 -5.82 1.76
C SER A 5 -3.70 -6.35 0.41
N ALA A 6 -3.84 -5.53 -0.63
CA ALA A 6 -3.41 -5.91 -1.98
C ALA A 6 -3.11 -4.68 -2.81
N THR A 7 -1.84 -4.55 -3.22
CA THR A 7 -1.42 -3.41 -4.05
C THR A 7 -0.66 -3.91 -5.27
N SER A 8 -1.06 -3.42 -6.45
CA SER A 8 -0.41 -3.83 -7.70
C SER A 8 -0.17 -2.61 -8.60
N SER A 9 -1.25 -2.09 -9.20
CA SER A 9 -1.16 -0.92 -10.08
C SER A 9 -2.52 -0.26 -10.30
N PHE A 10 -3.49 -0.54 -9.42
CA PHE A 10 -4.83 0.03 -9.55
C PHE A 10 -5.02 1.26 -8.64
N GLY A 11 -3.91 1.86 -8.23
CA GLY A 11 -3.95 3.04 -7.36
C GLY A 11 -3.81 2.68 -5.87
N GLY A 12 -3.92 1.39 -5.55
CA GLY A 12 -3.77 0.94 -4.16
C GLY A 12 -4.91 1.44 -3.28
N LEU A 13 -6.11 1.54 -3.85
CA LEU A 13 -7.28 2.03 -3.12
C LEU A 13 -7.59 1.11 -1.93
N GLY A 14 -7.44 -0.20 -2.13
CA GLY A 14 -7.70 -1.18 -1.08
C GLY A 14 -6.64 -1.08 0.02
N GLY A 15 -7.01 -1.52 1.23
CA GLY A 15 -6.12 -1.48 2.37
C GLY A 15 -5.89 -0.05 2.84
N GLY A 16 -4.77 0.16 3.54
CA GLY A 16 -4.42 1.49 4.05
C GLY A 16 -3.80 2.35 2.96
N SER A 17 -3.47 3.60 3.32
CA SER A 17 -2.88 4.54 2.37
C SER A 17 -1.46 4.09 2.00
N VAL A 18 -1.05 4.43 0.78
CA VAL A 18 0.28 4.07 0.29
C VAL A 18 1.32 5.06 0.83
N ARG A 19 2.35 4.51 1.48
CA ARG A 19 3.41 5.32 2.07
C ARG A 19 4.42 5.72 0.99
N PHE A 20 4.72 7.01 0.93
CA PHE A 20 5.67 7.56 -0.04
C PHE A 20 6.87 8.19 0.67
N GLY A 21 8.04 8.07 0.05
CA GLY A 21 9.26 8.64 0.59
C GLY A 21 9.40 10.11 0.16
N PRO A 22 10.60 10.69 0.20
CA PRO A 22 10.81 12.12 -0.21
C PRO A 22 10.72 12.30 -1.73
N GLY A 23 9.54 12.04 -2.28
CA GLY A 23 9.32 12.17 -3.73
C GLY A 23 8.96 13.60 -4.10
N TYR A 1 -1.19 -13.43 9.35
CA TYR A 1 -0.74 -12.02 9.56
C TYR A 1 -1.64 -11.08 8.76
N ARG A 2 -1.65 -9.80 9.15
CA ARG A 2 -2.46 -8.79 8.45
C ARG A 2 -1.88 -8.50 7.07
N GLN A 3 -2.78 -8.29 6.11
CA GLN A 3 -2.36 -8.00 4.73
C GLN A 3 -3.40 -7.11 4.03
N SER A 4 -2.95 -6.43 2.97
CA SER A 4 -3.84 -5.55 2.21
C SER A 4 -4.85 -6.36 1.40
N SER A 5 -5.94 -5.70 1.00
CA SER A 5 -6.99 -6.35 0.23
C SER A 5 -6.45 -6.86 -1.10
N ALA A 6 -5.59 -6.06 -1.74
CA ALA A 6 -4.99 -6.41 -3.02
C ALA A 6 -3.51 -6.70 -2.86
N THR A 7 -3.06 -7.81 -3.45
CA THR A 7 -1.65 -8.20 -3.39
C THR A 7 -1.08 -8.34 -4.80
N SER A 8 0.05 -7.65 -5.04
CA SER A 8 0.71 -7.71 -6.34
C SER A 8 2.23 -7.68 -6.18
N SER A 9 2.71 -8.28 -5.08
CA SER A 9 4.15 -8.33 -4.79
C SER A 9 4.75 -6.92 -4.77
N PHE A 10 4.00 -5.98 -4.19
CA PHE A 10 4.45 -4.59 -4.08
C PHE A 10 4.85 -4.23 -2.65
N GLY A 11 5.15 -5.25 -1.83
CA GLY A 11 5.54 -5.03 -0.43
C GLY A 11 4.34 -5.13 0.52
N GLY A 12 3.12 -5.16 -0.03
CA GLY A 12 1.92 -5.26 0.79
C GLY A 12 1.66 -3.98 1.59
N LEU A 13 2.12 -2.84 1.07
CA LEU A 13 1.94 -1.55 1.75
C LEU A 13 0.54 -0.97 1.52
N GLY A 14 -0.37 -1.77 0.95
CA GLY A 14 -1.74 -1.32 0.69
C GLY A 14 -2.59 -1.39 1.95
N GLY A 15 -3.85 -0.96 1.83
CA GLY A 15 -4.78 -0.97 2.96
C GLY A 15 -4.41 0.10 4.00
N GLY A 16 -3.76 1.17 3.54
CA GLY A 16 -3.36 2.25 4.43
C GLY A 16 -2.64 3.35 3.65
N SER A 17 -2.15 4.36 4.37
CA SER A 17 -1.45 5.49 3.75
C SER A 17 -0.11 5.02 3.18
N VAL A 18 0.34 5.73 2.14
CA VAL A 18 1.60 5.40 1.48
C VAL A 18 2.64 6.47 1.80
N ARG A 19 3.81 6.02 2.25
CA ARG A 19 4.90 6.93 2.60
C ARG A 19 5.63 7.37 1.33
N PHE A 20 5.92 8.67 1.25
CA PHE A 20 6.61 9.23 0.09
C PHE A 20 7.93 9.86 0.49
N GLY A 21 8.93 9.73 -0.38
CA GLY A 21 10.24 10.33 -0.13
C GLY A 21 10.18 11.83 -0.48
N PRO A 22 11.28 12.57 -0.42
CA PRO A 22 11.25 14.03 -0.74
C PRO A 22 10.53 14.29 -2.07
N GLY A 23 9.25 14.67 -1.97
CA GLY A 23 8.44 14.95 -3.16
C GLY A 23 7.69 16.26 -3.01
N TYR A 1 -14.03 -11.72 -6.70
CA TYR A 1 -13.01 -11.62 -5.62
C TYR A 1 -12.28 -10.29 -5.73
N ARG A 2 -12.01 -9.67 -4.57
CA ARG A 2 -11.31 -8.39 -4.53
C ARG A 2 -10.15 -8.44 -3.54
N GLN A 3 -9.09 -7.67 -3.83
CA GLN A 3 -7.92 -7.62 -2.97
C GLN A 3 -7.56 -6.17 -2.63
N SER A 4 -7.02 -5.97 -1.42
CA SER A 4 -6.63 -4.64 -0.98
C SER A 4 -5.40 -4.16 -1.73
N SER A 5 -5.17 -2.84 -1.71
CA SER A 5 -4.02 -2.25 -2.40
C SER A 5 -2.72 -2.79 -1.84
N ALA A 6 -2.66 -2.94 -0.50
CA ALA A 6 -1.46 -3.46 0.15
C ALA A 6 -1.20 -4.91 -0.24
N THR A 7 0.08 -5.26 -0.32
CA THR A 7 0.48 -6.63 -0.68
C THR A 7 0.24 -7.57 0.50
N SER A 8 0.35 -8.87 0.24
CA SER A 8 0.14 -9.87 1.28
C SER A 8 1.22 -10.96 1.21
N SER A 9 1.43 -11.65 2.32
CA SER A 9 2.45 -12.71 2.39
C SER A 9 3.82 -12.16 1.95
N PHE A 10 4.10 -10.91 2.32
CA PHE A 10 5.37 -10.27 1.97
C PHE A 10 6.31 -10.14 3.19
N GLY A 11 5.76 -10.32 4.39
CA GLY A 11 6.57 -10.24 5.62
C GLY A 11 7.22 -8.87 5.77
N GLY A 12 6.42 -7.86 6.10
CA GLY A 12 6.93 -6.50 6.28
C GLY A 12 5.84 -5.56 6.77
N LEU A 13 6.11 -4.25 6.66
CA LEU A 13 5.16 -3.22 7.10
C LEU A 13 3.76 -3.50 6.56
N GLY A 14 2.75 -3.28 7.41
CA GLY A 14 1.36 -3.51 7.02
C GLY A 14 0.40 -3.02 8.10
N GLY A 15 -0.89 -3.28 7.90
CA GLY A 15 -1.92 -2.86 8.85
C GLY A 15 -2.24 -1.37 8.74
N GLY A 16 -1.86 -0.76 7.60
CA GLY A 16 -2.10 0.67 7.38
C GLY A 16 -1.57 1.09 6.02
N SER A 17 -1.65 2.40 5.74
CA SER A 17 -1.17 2.93 4.47
C SER A 17 0.35 2.90 4.41
N VAL A 18 0.88 3.05 3.20
CA VAL A 18 2.33 3.04 2.99
C VAL A 18 2.79 4.46 2.66
N ARG A 19 3.78 4.93 3.42
CA ARG A 19 4.32 6.26 3.23
C ARG A 19 5.09 6.32 1.92
N PHE A 20 4.81 7.35 1.12
CA PHE A 20 5.47 7.52 -0.18
C PHE A 20 6.49 8.64 -0.12
N GLY A 21 7.48 8.57 -0.99
CA GLY A 21 8.54 9.57 -1.03
C GLY A 21 8.04 10.84 -1.77
N PRO A 22 8.93 11.69 -2.28
CA PRO A 22 8.51 12.94 -3.00
C PRO A 22 7.85 12.62 -4.36
N GLY A 23 6.64 12.08 -4.29
CA GLY A 23 5.89 11.72 -5.49
C GLY A 23 5.05 12.91 -5.98
N TYR A 1 -19.35 -3.63 -0.74
CA TYR A 1 -18.40 -3.89 0.38
C TYR A 1 -16.97 -3.74 -0.13
N ARG A 2 -16.38 -2.58 0.13
CA ARG A 2 -15.01 -2.32 -0.30
C ARG A 2 -14.02 -3.13 0.53
N GLN A 3 -13.14 -3.86 -0.14
CA GLN A 3 -12.15 -4.68 0.54
C GLN A 3 -10.76 -4.44 -0.07
N SER A 4 -9.77 -4.23 0.81
CA SER A 4 -8.40 -3.98 0.36
C SER A 4 -7.85 -5.20 -0.38
N SER A 5 -7.10 -4.94 -1.45
CA SER A 5 -6.52 -6.02 -2.25
C SER A 5 -5.57 -6.87 -1.40
N ALA A 6 -4.75 -6.20 -0.58
CA ALA A 6 -3.82 -6.89 0.29
C ALA A 6 -2.90 -7.81 -0.53
N THR A 7 -1.83 -7.23 -1.08
CA THR A 7 -0.88 -7.99 -1.88
C THR A 7 -0.27 -9.10 -1.02
N SER A 8 -0.23 -10.31 -1.58
CA SER A 8 0.30 -11.47 -0.85
C SER A 8 1.82 -11.40 -0.66
N SER A 9 2.47 -10.43 -1.31
CA SER A 9 3.92 -10.28 -1.19
C SER A 9 4.33 -10.04 0.25
N PHE A 10 3.55 -9.22 0.97
CA PHE A 10 3.84 -8.92 2.38
C PHE A 10 2.99 -9.79 3.33
N GLY A 11 2.43 -10.89 2.80
CA GLY A 11 1.60 -11.79 3.61
C GLY A 11 0.11 -11.44 3.52
N GLY A 12 -0.21 -10.27 2.95
CA GLY A 12 -1.60 -9.84 2.81
C GLY A 12 -2.21 -9.49 4.17
N LEU A 13 -1.38 -9.06 5.11
CA LEU A 13 -1.84 -8.70 6.45
C LEU A 13 -2.34 -7.24 6.52
N GLY A 14 -2.65 -6.66 5.36
CA GLY A 14 -3.12 -5.28 5.29
C GLY A 14 -1.94 -4.31 5.35
N GLY A 15 -2.26 -3.01 5.43
CA GLY A 15 -1.23 -1.97 5.50
C GLY A 15 -0.34 -2.03 4.26
N GLY A 16 0.98 -2.03 4.49
CA GLY A 16 1.95 -2.08 3.40
C GLY A 16 2.10 -0.74 2.70
N SER A 17 1.67 0.35 3.36
CA SER A 17 1.77 1.69 2.80
C SER A 17 3.22 2.11 2.68
N VAL A 18 3.49 2.98 1.71
CA VAL A 18 4.84 3.49 1.46
C VAL A 18 4.90 4.99 1.72
N ARG A 19 5.90 5.41 2.50
CA ARG A 19 6.07 6.82 2.84
C ARG A 19 6.73 7.55 1.68
N PHE A 20 6.11 8.66 1.27
CA PHE A 20 6.62 9.47 0.16
C PHE A 20 7.00 10.86 0.64
N GLY A 21 8.07 11.40 0.04
CA GLY A 21 8.54 12.75 0.39
C GLY A 21 7.84 13.79 -0.49
N PRO A 22 8.42 14.97 -0.70
CA PRO A 22 7.80 16.02 -1.55
C PRO A 22 7.92 15.69 -3.05
N GLY A 23 7.33 14.57 -3.45
CA GLY A 23 7.37 14.13 -4.84
C GLY A 23 8.80 14.04 -5.35
#